data_8RYF
#
_entry.id   8RYF
#
_cell.length_a   122.210
_cell.length_b   122.210
_cell.length_c   87.060
_cell.angle_alpha   90.00
_cell.angle_beta   90.00
_cell.angle_gamma   90.00
#
_symmetry.space_group_name_H-M   'P 42 2 2'
#
loop_
_entity.id
_entity.type
_entity.pdbx_description
1 polymer 'Class I SAM-dependent methyltransferase'
2 non-polymer "5'-DEOXY-5'-METHYLTHIOADENOSINE"
3 non-polymer '(2S)-azetidine-2-carboxylic acid'
4 non-polymer 1,2-ETHANEDIOL
5 non-polymer GLYCEROL
6 non-polymer 'SODIUM ION'
7 non-polymer 'PHOSPHATE ION'
8 water water
#
_entity_poly.entity_id   1
_entity_poly.type   'polypeptide(L)'
_entity_poly.pdbx_seq_one_letter_code
;SQNMDLTIGTHRESAFYELEFGPRTIMTLANFPDDVLPLLQMESLMTFEAMAYLRCDALVELGCYDGRALEIARLLNARY
LGVDLDQRAIETLRTRIEREGMSDRADTVVDDILNHTRRGASVGSRALYLLPFNLLGNFREPKRLLDSLAERSVAAVVSV
FGDSAEATRVRQSYYRRCGVQGLELHTRDDGTVFTGSDGFYSRSYSRACLHALLAECGLTVVRSASNLFAHCVTVLPEGA
DQGFGSSAA
;
_entity_poly.pdbx_strand_id   A,B
#
# COMPACT_ATOMS: atom_id res chain seq x y z
N GLU A 13 2.34 -22.88 -17.80
CA GLU A 13 2.19 -21.92 -16.64
C GLU A 13 2.59 -20.51 -17.10
N SER A 14 1.79 -19.51 -16.71
CA SER A 14 2.12 -18.06 -16.85
C SER A 14 2.14 -17.62 -18.31
N ALA A 15 1.47 -18.37 -19.21
CA ALA A 15 1.38 -18.06 -20.66
C ALA A 15 0.77 -16.66 -20.84
N PHE A 16 -0.27 -16.33 -20.06
CA PHE A 16 -0.97 -15.01 -20.12
C PHE A 16 0.03 -13.86 -19.92
N TYR A 17 1.01 -14.03 -19.03
CA TYR A 17 1.98 -12.97 -18.67
C TYR A 17 3.16 -12.95 -19.66
N GLU A 18 3.17 -13.84 -20.66
CA GLU A 18 4.12 -13.81 -21.81
C GLU A 18 3.51 -13.00 -22.96
N LEU A 19 2.20 -12.71 -22.92
CA LEU A 19 1.54 -11.77 -23.84
C LEU A 19 2.12 -10.37 -23.61
N GLU A 20 2.31 -9.61 -24.69
CA GLU A 20 2.90 -8.25 -24.72
C GLU A 20 2.27 -7.38 -23.61
N PHE A 21 0.94 -7.37 -23.50
CA PHE A 21 0.17 -6.46 -22.61
C PHE A 21 -0.52 -7.24 -21.49
N GLY A 22 -0.20 -8.53 -21.32
CA GLY A 22 -0.70 -9.34 -20.20
C GLY A 22 -0.42 -8.66 -18.85
N PRO A 23 0.85 -8.48 -18.46
CA PRO A 23 1.18 -7.84 -17.18
C PRO A 23 0.63 -6.41 -17.07
N ARG A 24 0.71 -5.61 -18.14
CA ARG A 24 0.24 -4.21 -18.13
C ARG A 24 -1.25 -4.17 -17.77
N THR A 25 -2.09 -4.97 -18.44
CA THR A 25 -3.56 -4.93 -18.22
C THR A 25 -3.86 -5.31 -16.77
N ILE A 26 -3.15 -6.31 -16.23
CA ILE A 26 -3.42 -6.85 -14.86
C ILE A 26 -2.89 -5.91 -13.77
N MET A 27 -1.79 -5.19 -14.02
CA MET A 27 -1.07 -4.46 -12.95
C MET A 27 -1.25 -2.95 -13.05
N THR A 28 -1.99 -2.45 -14.04
CA THR A 28 -2.28 -1.01 -14.18
C THR A 28 -3.26 -0.63 -13.07
N LEU A 29 -2.83 0.25 -12.17
CA LEU A 29 -3.58 0.69 -10.95
C LEU A 29 -4.98 1.19 -11.34
N ALA A 30 -5.09 1.90 -12.47
CA ALA A 30 -6.37 2.47 -12.98
C ALA A 30 -7.40 1.36 -13.26
N ASN A 31 -6.97 0.11 -13.40
CA ASN A 31 -7.87 -1.05 -13.66
C ASN A 31 -8.34 -1.68 -12.34
N PHE A 32 -7.85 -1.21 -11.19
CA PHE A 32 -8.15 -1.84 -9.88
C PHE A 32 -9.45 -1.25 -9.33
N PRO A 33 -10.43 -2.09 -8.95
CA PRO A 33 -11.49 -1.63 -8.05
C PRO A 33 -10.87 -1.07 -6.77
N ASP A 34 -11.50 -0.06 -6.18
CA ASP A 34 -11.06 0.59 -4.91
C ASP A 34 -10.75 -0.49 -3.86
N ASP A 35 -11.56 -1.56 -3.82
CA ASP A 35 -11.49 -2.61 -2.76
C ASP A 35 -10.26 -3.51 -2.92
N VAL A 36 -9.46 -3.34 -3.98
CA VAL A 36 -8.14 -4.03 -4.10
C VAL A 36 -7.14 -3.40 -3.10
N LEU A 37 -7.29 -2.13 -2.75
CA LEU A 37 -6.25 -1.43 -1.98
C LEU A 37 -6.09 -2.06 -0.58
N PRO A 38 -7.16 -2.40 0.16
CA PRO A 38 -7.01 -3.14 1.43
C PRO A 38 -6.19 -4.44 1.34
N LEU A 39 -6.34 -5.22 0.26
CA LEU A 39 -5.53 -6.44 0.01
C LEU A 39 -4.04 -6.05 -0.05
N LEU A 40 -3.72 -5.05 -0.88
CA LEU A 40 -2.33 -4.57 -1.10
C LEU A 40 -1.76 -4.00 0.19
N GLN A 41 -2.57 -3.30 0.99
CA GLN A 41 -2.11 -2.66 2.26
C GLN A 41 -1.78 -3.73 3.30
N MET A 42 -2.68 -4.70 3.50
CA MET A 42 -2.46 -5.80 4.48
C MET A 42 -1.15 -6.52 4.15
N GLU A 43 -0.93 -6.87 2.87
CA GLU A 43 0.26 -7.59 2.37
C GLU A 43 1.53 -6.77 2.64
N SER A 44 1.48 -5.46 2.37
CA SER A 44 2.60 -4.50 2.60
C SER A 44 2.97 -4.45 4.09
N LEU A 45 1.97 -4.30 4.96
CA LEU A 45 2.18 -4.18 6.43
C LEU A 45 2.80 -5.48 6.95
N MET A 46 2.29 -6.62 6.51
CA MET A 46 2.77 -7.94 6.98
C MET A 46 4.20 -8.20 6.47
N THR A 47 4.53 -7.79 5.25
CA THR A 47 5.89 -7.96 4.67
C THR A 47 6.87 -7.11 5.49
N PHE A 48 6.52 -5.86 5.72
CA PHE A 48 7.31 -4.88 6.51
C PHE A 48 7.63 -5.48 7.89
N GLU A 49 6.59 -5.94 8.59
CA GLU A 49 6.74 -6.45 9.97
C GLU A 49 7.54 -7.76 9.98
N ALA A 50 7.31 -8.64 9.00
CA ALA A 50 8.02 -9.94 8.90
C ALA A 50 9.52 -9.71 8.71
N MET A 51 9.90 -8.80 7.81
CA MET A 51 11.32 -8.53 7.52
C MET A 51 12.03 -8.03 8.79
N ALA A 52 11.40 -7.13 9.55
CA ALA A 52 11.93 -6.60 10.82
C ALA A 52 12.08 -7.75 11.84
N TYR A 53 11.01 -8.49 12.13
CA TYR A 53 11.01 -9.51 13.21
C TYR A 53 11.98 -10.64 12.85
N LEU A 54 11.97 -11.11 11.59
CA LEU A 54 12.78 -12.27 11.15
C LEU A 54 14.16 -11.82 10.67
N ARG A 55 14.51 -10.55 10.84
CA ARG A 55 15.86 -9.99 10.56
C ARG A 55 16.27 -10.38 9.13
N CYS A 56 15.40 -10.09 8.16
CA CYS A 56 15.70 -10.29 6.72
C CYS A 56 16.42 -9.05 6.20
N ASP A 57 17.60 -9.21 5.62
CA ASP A 57 18.41 -8.10 5.04
C ASP A 57 18.06 -7.94 3.56
N ALA A 58 17.21 -8.79 3.00
CA ALA A 58 16.84 -8.77 1.56
C ALA A 58 15.35 -9.08 1.39
N LEU A 59 14.71 -8.34 0.49
CA LEU A 59 13.33 -8.59 0.01
C LEU A 59 13.42 -9.00 -1.46
N VAL A 60 12.90 -10.19 -1.80
CA VAL A 60 12.76 -10.64 -3.21
C VAL A 60 11.28 -10.63 -3.56
N GLU A 61 10.88 -9.72 -4.44
CA GLU A 61 9.49 -9.57 -4.88
C GLU A 61 9.31 -10.33 -6.21
N LEU A 62 8.61 -11.45 -6.16
CA LEU A 62 8.23 -12.26 -7.34
C LEU A 62 6.99 -11.60 -7.99
N GLY A 63 7.04 -11.35 -9.30
CA GLY A 63 5.99 -10.62 -10.03
C GLY A 63 5.91 -9.18 -9.54
N CYS A 64 7.06 -8.50 -9.49
CA CYS A 64 7.22 -7.15 -8.88
C CYS A 64 6.59 -6.05 -9.75
N TYR A 65 6.30 -6.34 -11.03
CA TYR A 65 5.89 -5.35 -12.05
C TYR A 65 6.87 -4.17 -11.99
N ASP A 66 6.42 -2.99 -11.58
CA ASP A 66 7.22 -1.72 -11.55
C ASP A 66 7.85 -1.51 -10.16
N GLY A 67 7.87 -2.52 -9.30
CA GLY A 67 8.50 -2.49 -7.97
C GLY A 67 7.49 -2.16 -6.88
N ARG A 68 6.43 -2.96 -6.77
CA ARG A 68 5.28 -2.67 -5.89
C ARG A 68 5.67 -2.80 -4.41
N ALA A 69 6.80 -3.43 -4.08
CA ALA A 69 7.26 -3.56 -2.67
C ALA A 69 8.59 -2.82 -2.43
N LEU A 70 9.08 -2.04 -3.41
CA LEU A 70 10.39 -1.34 -3.28
C LEU A 70 10.39 -0.45 -2.03
N GLU A 71 9.28 0.22 -1.71
CA GLU A 71 9.21 1.17 -0.57
C GLU A 71 9.46 0.44 0.76
N ILE A 72 9.07 -0.83 0.86
CA ILE A 72 9.30 -1.65 2.09
C ILE A 72 10.81 -1.80 2.29
N ALA A 73 11.53 -2.24 1.25
CA ALA A 73 13.00 -2.38 1.30
C ALA A 73 13.63 -1.01 1.60
N ARG A 74 13.10 0.06 1.01
CA ARG A 74 13.67 1.42 1.17
C ARG A 74 13.61 1.82 2.66
N LEU A 75 12.47 1.68 3.32
CA LEU A 75 12.27 2.14 4.72
C LEU A 75 12.96 1.20 5.72
N LEU A 76 13.41 0.02 5.30
CA LEU A 76 14.15 -0.92 6.18
C LEU A 76 15.64 -0.92 5.84
N ASN A 77 16.08 -0.14 4.85
CA ASN A 77 17.48 -0.14 4.33
C ASN A 77 17.87 -1.57 3.96
N ALA A 78 16.94 -2.34 3.37
CA ALA A 78 17.14 -3.75 2.97
C ALA A 78 17.54 -3.82 1.50
N ARG A 79 18.25 -4.86 1.10
CA ARG A 79 18.45 -5.20 -0.34
C ARG A 79 17.10 -5.55 -0.95
N TYR A 80 16.96 -5.29 -2.24
CA TYR A 80 15.73 -5.55 -3.01
C TYR A 80 16.12 -6.23 -4.33
N LEU A 81 15.41 -7.31 -4.66
CA LEU A 81 15.41 -7.87 -6.04
C LEU A 81 13.95 -7.99 -6.50
N GLY A 82 13.64 -7.38 -7.63
CA GLY A 82 12.34 -7.52 -8.32
C GLY A 82 12.47 -8.44 -9.51
N VAL A 83 11.63 -9.46 -9.57
CA VAL A 83 11.59 -10.44 -10.69
C VAL A 83 10.24 -10.29 -11.41
N ASP A 84 10.27 -10.09 -12.73
CA ASP A 84 9.03 -10.06 -13.55
C ASP A 84 9.38 -10.40 -15.01
N LEU A 85 8.40 -10.91 -15.74
CA LEU A 85 8.49 -11.15 -17.20
C LEU A 85 8.36 -9.84 -17.97
N ASP A 86 7.78 -8.80 -17.38
CA ASP A 86 7.39 -7.56 -18.12
C ASP A 86 8.59 -6.62 -18.23
N GLN A 87 9.20 -6.55 -19.41
CA GLN A 87 10.39 -5.72 -19.72
C GLN A 87 10.08 -4.24 -19.44
N ARG A 88 8.90 -3.74 -19.83
CA ARG A 88 8.56 -2.29 -19.73
C ARG A 88 8.46 -1.90 -18.25
N ALA A 89 7.75 -2.70 -17.44
CA ALA A 89 7.57 -2.44 -16.00
C ALA A 89 8.94 -2.47 -15.30
N ILE A 90 9.79 -3.45 -15.62
CA ILE A 90 11.15 -3.56 -15.05
C ILE A 90 11.97 -2.31 -15.43
N GLU A 91 11.83 -1.80 -16.65
CA GLU A 91 12.56 -0.57 -17.08
C GLU A 91 12.10 0.63 -16.23
N THR A 92 10.80 0.75 -15.93
CA THR A 92 10.24 1.78 -15.02
C THR A 92 10.90 1.65 -13.64
N LEU A 93 11.00 0.41 -13.13
CA LEU A 93 11.60 0.11 -11.81
C LEU A 93 13.10 0.46 -11.83
N ARG A 94 13.83 0.08 -12.87
CA ARG A 94 15.28 0.41 -13.03
C ARG A 94 15.45 1.93 -12.98
N THR A 95 14.62 2.68 -13.70
CA THR A 95 14.65 4.17 -13.74
C THR A 95 14.43 4.72 -12.32
N ARG A 96 13.43 4.22 -11.59
CA ARG A 96 13.12 4.71 -10.22
C ARG A 96 14.28 4.38 -9.27
N ILE A 97 14.84 3.18 -9.34
CA ILE A 97 15.98 2.74 -8.48
C ILE A 97 17.13 3.75 -8.66
N GLU A 98 17.47 4.08 -9.91
CA GLU A 98 18.57 5.03 -10.24
C GLU A 98 18.23 6.40 -9.64
N ARG A 99 17.02 6.92 -9.87
CA ARG A 99 16.61 8.27 -9.41
C ARG A 99 16.58 8.32 -7.87
N GLU A 100 16.24 7.23 -7.20
CA GLU A 100 16.16 7.13 -5.72
C GLU A 100 17.56 6.92 -5.12
N GLY A 101 18.60 6.73 -5.94
CA GLY A 101 19.97 6.44 -5.49
C GLY A 101 20.08 5.09 -4.80
N MET A 102 19.36 4.09 -5.30
CA MET A 102 19.23 2.75 -4.66
C MET A 102 19.98 1.69 -5.46
N SER A 103 20.76 2.07 -6.49
CA SER A 103 21.46 1.16 -7.43
C SER A 103 22.36 0.16 -6.69
N ASP A 104 22.93 0.57 -5.54
CA ASP A 104 23.85 -0.26 -4.71
C ASP A 104 23.05 -1.35 -3.97
N ARG A 105 21.75 -1.15 -3.73
CA ARG A 105 20.93 -1.97 -2.79
C ARG A 105 19.77 -2.68 -3.50
N ALA A 106 19.39 -2.22 -4.70
CA ALA A 106 18.17 -2.69 -5.40
C ALA A 106 18.52 -3.09 -6.83
N ASP A 107 18.04 -4.26 -7.26
CA ASP A 107 18.32 -4.85 -8.60
C ASP A 107 17.02 -5.42 -9.16
N THR A 108 17.03 -5.75 -10.45
CA THR A 108 15.87 -6.32 -11.17
C THR A 108 16.34 -7.44 -12.09
N VAL A 109 15.48 -8.42 -12.35
CA VAL A 109 15.70 -9.44 -13.41
C VAL A 109 14.42 -9.55 -14.22
N VAL A 110 14.55 -9.55 -15.55
CA VAL A 110 13.47 -9.95 -16.49
C VAL A 110 13.60 -11.47 -16.68
N ASP A 111 12.76 -12.23 -16.03
CA ASP A 111 12.82 -13.71 -16.12
C ASP A 111 11.54 -14.32 -15.56
N ASP A 112 11.33 -15.59 -15.88
CA ASP A 112 10.32 -16.45 -15.23
C ASP A 112 10.69 -16.61 -13.75
N ILE A 113 9.70 -16.43 -12.87
CA ILE A 113 9.82 -16.57 -11.39
C ILE A 113 10.44 -17.93 -11.04
N LEU A 114 10.02 -19.02 -11.70
CA LEU A 114 10.52 -20.40 -11.39
C LEU A 114 11.98 -20.55 -11.84
N ASN A 115 12.38 -19.92 -12.94
CA ASN A 115 13.81 -19.87 -13.35
C ASN A 115 14.61 -19.24 -12.20
N HIS A 116 14.12 -18.14 -11.66
CA HIS A 116 14.81 -17.41 -10.56
C HIS A 116 14.89 -18.31 -9.30
N THR A 117 13.76 -18.85 -8.83
CA THR A 117 13.72 -19.55 -7.52
C THR A 117 14.52 -20.85 -7.62
N ARG A 118 14.55 -21.50 -8.78
CA ARG A 118 15.23 -22.81 -8.96
C ARG A 118 16.74 -22.63 -9.18
N ARG A 119 17.17 -21.55 -9.83
CA ARG A 119 18.56 -21.46 -10.34
C ARG A 119 19.26 -20.14 -9.99
N GLY A 120 18.53 -19.11 -9.55
CA GLY A 120 19.09 -17.79 -9.24
C GLY A 120 20.01 -17.79 -8.03
N ALA A 121 21.00 -16.90 -8.05
CA ALA A 121 21.90 -16.63 -6.90
C ALA A 121 21.08 -16.13 -5.71
N SER A 122 21.62 -16.27 -4.51
CA SER A 122 21.07 -15.70 -3.26
C SER A 122 21.02 -14.18 -3.35
N VAL A 123 20.03 -13.58 -2.69
CA VAL A 123 19.95 -12.11 -2.46
C VAL A 123 20.19 -11.90 -0.95
N GLY A 124 21.23 -11.15 -0.60
CA GLY A 124 21.63 -10.92 0.82
C GLY A 124 21.89 -12.24 1.52
N SER A 125 21.80 -12.24 2.87
CA SER A 125 22.09 -13.40 3.76
C SER A 125 20.77 -14.05 4.21
N ARG A 126 19.75 -13.24 4.49
CA ARG A 126 18.43 -13.69 5.00
C ARG A 126 17.37 -13.01 4.15
N ALA A 127 16.91 -13.69 3.10
CA ALA A 127 15.96 -13.16 2.10
C ALA A 127 14.54 -13.54 2.50
N LEU A 128 13.62 -12.59 2.44
CA LEU A 128 12.17 -12.83 2.48
C LEU A 128 11.65 -12.81 1.04
N TYR A 129 10.94 -13.86 0.62
CA TYR A 129 10.28 -13.95 -0.69
C TYR A 129 8.84 -13.46 -0.54
N LEU A 130 8.48 -12.41 -1.29
CA LEU A 130 7.08 -11.90 -1.35
C LEU A 130 6.41 -12.46 -2.61
N LEU A 131 5.29 -13.14 -2.41
CA LEU A 131 4.36 -13.56 -3.49
C LEU A 131 3.13 -12.68 -3.37
N PRO A 132 3.12 -11.51 -4.04
CA PRO A 132 2.10 -10.49 -3.80
C PRO A 132 0.84 -10.66 -4.65
N PHE A 133 -0.25 -10.06 -4.20
CA PHE A 133 -1.44 -9.71 -5.04
C PHE A 133 -1.92 -10.94 -5.84
N ASN A 134 -2.05 -12.07 -5.17
CA ASN A 134 -2.62 -13.33 -5.70
C ASN A 134 -1.69 -13.96 -6.75
N LEU A 135 -0.38 -13.67 -6.74
CA LEU A 135 0.58 -14.37 -7.63
C LEU A 135 0.35 -15.89 -7.52
N LEU A 136 0.26 -16.44 -6.30
CA LEU A 136 0.13 -17.91 -6.09
C LEU A 136 -1.11 -18.44 -6.80
N GLY A 137 -2.19 -17.65 -6.81
CA GLY A 137 -3.48 -18.01 -7.42
C GLY A 137 -3.41 -18.03 -8.94
N ASN A 138 -2.35 -17.45 -9.51
CA ASN A 138 -2.14 -17.41 -10.98
C ASN A 138 -1.30 -18.62 -11.43
N PHE A 139 -0.88 -19.49 -10.52
CA PHE A 139 -0.20 -20.78 -10.85
C PHE A 139 -1.20 -21.93 -10.76
N ARG A 140 -1.35 -22.68 -11.87
CA ARG A 140 -2.20 -23.91 -11.94
C ARG A 140 -1.63 -24.98 -11.00
N GLU A 141 -0.31 -25.08 -10.89
CA GLU A 141 0.41 -25.98 -9.95
C GLU A 141 1.23 -25.14 -8.97
N PRO A 142 0.59 -24.57 -7.93
CA PRO A 142 1.28 -23.68 -7.00
C PRO A 142 2.37 -24.37 -6.17
N LYS A 143 2.31 -25.71 -6.03
CA LYS A 143 3.26 -26.48 -5.19
C LYS A 143 4.68 -26.39 -5.78
N ARG A 144 4.82 -26.32 -7.10
CA ARG A 144 6.14 -26.18 -7.76
C ARG A 144 6.81 -24.88 -7.29
N LEU A 145 6.05 -23.78 -7.25
CA LEU A 145 6.55 -22.46 -6.79
C LEU A 145 6.88 -22.50 -5.30
N LEU A 146 5.94 -22.98 -4.48
CA LEU A 146 6.11 -23.02 -3.00
C LEU A 146 7.30 -23.90 -2.66
N ASP A 147 7.43 -25.06 -3.29
CA ASP A 147 8.54 -26.03 -3.04
C ASP A 147 9.89 -25.37 -3.34
N SER A 148 9.97 -24.47 -4.32
CA SER A 148 11.23 -23.82 -4.77
C SER A 148 11.71 -22.75 -3.80
N LEU A 149 10.88 -22.30 -2.85
CA LEU A 149 11.23 -21.17 -1.92
C LEU A 149 12.27 -21.61 -0.88
N ALA A 150 12.25 -22.87 -0.45
CA ALA A 150 13.13 -23.40 0.62
C ALA A 150 14.61 -23.04 0.36
N GLU A 151 15.07 -23.18 -0.88
CA GLU A 151 16.53 -23.12 -1.22
C GLU A 151 17.13 -21.76 -0.83
N ARG A 152 16.47 -20.65 -1.19
CA ARG A 152 17.14 -19.31 -1.23
C ARG A 152 16.48 -18.34 -0.24
N SER A 153 15.59 -18.81 0.64
CA SER A 153 14.77 -17.93 1.55
C SER A 153 14.73 -18.49 2.98
N VAL A 154 14.60 -17.59 3.96
CA VAL A 154 14.40 -17.91 5.40
C VAL A 154 12.95 -17.59 5.79
N ALA A 155 12.19 -16.99 4.87
CA ALA A 155 10.80 -16.57 5.10
C ALA A 155 10.14 -16.21 3.77
N ALA A 156 8.81 -16.27 3.76
CA ALA A 156 8.00 -15.81 2.62
C ALA A 156 6.69 -15.21 3.14
N VAL A 157 6.17 -14.24 2.40
CA VAL A 157 4.81 -13.69 2.60
C VAL A 157 4.00 -14.06 1.35
N VAL A 158 2.84 -14.67 1.55
CA VAL A 158 1.94 -15.13 0.48
C VAL A 158 0.60 -14.41 0.64
N SER A 159 0.24 -13.58 -0.34
CA SER A 159 -1.01 -12.79 -0.37
C SER A 159 -1.94 -13.33 -1.46
N VAL A 160 -3.16 -13.74 -1.11
CA VAL A 160 -4.15 -14.27 -2.08
C VAL A 160 -5.50 -13.60 -1.86
N PHE A 161 -6.28 -13.48 -2.93
CA PHE A 161 -7.73 -13.21 -2.85
C PHE A 161 -8.37 -14.32 -2.01
N GLY A 162 -9.32 -13.94 -1.15
CA GLY A 162 -10.22 -14.86 -0.43
C GLY A 162 -11.41 -15.23 -1.27
N ASP A 163 -12.32 -16.05 -0.70
CA ASP A 163 -13.45 -16.67 -1.42
C ASP A 163 -14.78 -16.09 -0.91
N SER A 164 -14.78 -14.98 -0.18
CA SER A 164 -16.04 -14.30 0.22
C SER A 164 -16.78 -13.84 -1.04
N ALA A 165 -18.11 -13.75 -0.97
CA ALA A 165 -18.97 -13.23 -2.05
C ALA A 165 -18.44 -11.86 -2.49
N GLU A 166 -18.01 -11.03 -1.53
CA GLU A 166 -17.49 -9.66 -1.76
C GLU A 166 -16.20 -9.75 -2.59
N ALA A 167 -15.27 -10.63 -2.20
CA ALA A 167 -13.99 -10.85 -2.89
C ALA A 167 -14.27 -11.25 -4.35
N THR A 168 -15.20 -12.16 -4.59
CA THR A 168 -15.52 -12.66 -5.94
C THR A 168 -16.08 -11.50 -6.78
N ARG A 169 -16.94 -10.65 -6.22
CA ARG A 169 -17.50 -9.47 -6.95
C ARG A 169 -16.37 -8.51 -7.34
N VAL A 170 -15.42 -8.26 -6.43
CA VAL A 170 -14.21 -7.43 -6.73
C VAL A 170 -13.50 -8.02 -7.94
N ARG A 171 -13.26 -9.33 -7.93
CA ARG A 171 -12.49 -10.03 -8.98
C ARG A 171 -13.26 -9.99 -10.31
N GLN A 172 -14.58 -10.20 -10.28
CA GLN A 172 -15.45 -10.11 -11.49
C GLN A 172 -15.22 -8.76 -12.17
N SER A 173 -15.23 -7.66 -11.39
CA SER A 173 -15.05 -6.28 -11.91
C SER A 173 -13.61 -6.08 -12.42
N TYR A 174 -12.62 -6.50 -11.61
CA TYR A 174 -11.18 -6.29 -11.86
C TYR A 174 -10.78 -6.94 -13.19
N TYR A 175 -11.05 -8.24 -13.38
CA TYR A 175 -10.58 -9.01 -14.55
C TYR A 175 -11.25 -8.50 -15.84
N ARG A 176 -12.51 -8.07 -15.76
CA ARG A 176 -13.21 -7.47 -16.93
C ARG A 176 -12.63 -6.08 -17.21
N ARG A 177 -12.36 -5.25 -16.19
CA ARG A 177 -11.71 -3.93 -16.35
C ARG A 177 -10.36 -4.11 -17.07
N CYS A 178 -9.64 -5.20 -16.78
CA CYS A 178 -8.32 -5.53 -17.37
C CYS A 178 -8.47 -5.99 -18.82
N GLY A 179 -9.68 -6.35 -19.25
CA GLY A 179 -9.98 -6.77 -20.63
C GLY A 179 -9.62 -8.22 -20.88
N VAL A 180 -9.74 -9.08 -19.86
CA VAL A 180 -9.52 -10.55 -20.02
C VAL A 180 -10.61 -11.09 -20.94
N GLN A 181 -10.22 -11.80 -22.00
CA GLN A 181 -11.13 -12.33 -23.05
C GLN A 181 -11.77 -13.63 -22.57
N GLY A 182 -13.05 -13.83 -22.89
CA GLY A 182 -13.79 -15.08 -22.62
C GLY A 182 -13.75 -15.46 -21.16
N LEU A 183 -13.91 -14.48 -20.27
CA LEU A 183 -13.79 -14.67 -18.80
C LEU A 183 -14.89 -15.65 -18.37
N GLU A 184 -14.52 -16.71 -17.66
CA GLU A 184 -15.46 -17.67 -17.06
C GLU A 184 -15.15 -17.80 -15.57
N LEU A 185 -16.20 -17.98 -14.77
CA LEU A 185 -16.15 -18.09 -13.30
C LEU A 185 -16.53 -19.52 -12.93
N HIS A 186 -15.68 -20.22 -12.19
CA HIS A 186 -15.91 -21.62 -11.72
C HIS A 186 -15.84 -21.62 -10.19
N THR A 187 -16.98 -21.84 -9.52
CA THR A 187 -17.11 -21.84 -8.04
C THR A 187 -16.74 -23.22 -7.48
N ARG A 188 -15.78 -23.29 -6.57
CA ARG A 188 -15.37 -24.55 -5.89
C ARG A 188 -15.50 -24.36 -4.37
N ASP A 189 -15.42 -25.46 -3.62
CA ASP A 189 -15.61 -25.48 -2.15
C ASP A 189 -14.60 -24.52 -1.50
N ASP A 190 -13.38 -24.44 -2.03
CA ASP A 190 -12.20 -23.86 -1.36
C ASP A 190 -11.66 -22.65 -2.14
N GLY A 191 -12.46 -22.09 -3.05
CA GLY A 191 -12.06 -20.91 -3.84
C GLY A 191 -12.82 -20.80 -5.15
N THR A 192 -12.73 -19.64 -5.79
CA THR A 192 -13.36 -19.35 -7.10
C THR A 192 -12.23 -19.26 -8.13
N VAL A 193 -12.37 -19.98 -9.24
CA VAL A 193 -11.38 -20.01 -10.35
C VAL A 193 -11.96 -19.20 -11.51
N PHE A 194 -11.23 -18.16 -11.94
CA PHE A 194 -11.48 -17.41 -13.20
C PHE A 194 -10.52 -17.92 -14.26
N THR A 195 -11.03 -18.18 -15.47
CA THR A 195 -10.22 -18.53 -16.67
C THR A 195 -10.59 -17.58 -17.81
N GLY A 196 -9.63 -17.36 -18.71
CA GLY A 196 -9.82 -16.59 -19.95
C GLY A 196 -9.28 -17.37 -21.14
N SER A 197 -9.85 -17.14 -22.32
CA SER A 197 -9.52 -17.83 -23.60
C SER A 197 -8.07 -17.54 -24.00
N ASP A 198 -7.48 -16.50 -23.39
CA ASP A 198 -6.10 -16.00 -23.63
C ASP A 198 -5.09 -16.75 -22.74
N GLY A 199 -5.53 -17.80 -22.02
CA GLY A 199 -4.70 -18.55 -21.07
C GLY A 199 -4.75 -17.95 -19.66
N PHE A 200 -5.63 -16.97 -19.43
CA PHE A 200 -5.79 -16.36 -18.09
C PHE A 200 -6.25 -17.46 -17.12
N TYR A 201 -5.62 -17.50 -15.94
CA TYR A 201 -6.00 -18.40 -14.82
C TYR A 201 -5.75 -17.66 -13.51
N SER A 202 -6.78 -17.56 -12.66
CA SER A 202 -6.67 -16.96 -11.32
C SER A 202 -7.67 -17.64 -10.38
N ARG A 203 -7.18 -18.31 -9.34
CA ARG A 203 -8.03 -18.86 -8.25
C ARG A 203 -7.83 -18.03 -6.99
N SER A 204 -8.88 -17.94 -6.18
CA SER A 204 -8.84 -17.48 -4.78
C SER A 204 -8.70 -18.71 -3.86
N TYR A 205 -8.51 -18.47 -2.57
CA TYR A 205 -8.34 -19.52 -1.53
C TYR A 205 -9.24 -19.20 -0.34
N SER A 206 -9.83 -20.24 0.25
CA SER A 206 -10.29 -20.24 1.66
C SER A 206 -9.05 -20.23 2.54
N ARG A 207 -9.15 -19.73 3.77
CA ARG A 207 -8.04 -19.71 4.76
C ARG A 207 -7.55 -21.15 4.99
N ALA A 208 -8.47 -22.10 5.18
CA ALA A 208 -8.17 -23.51 5.50
C ALA A 208 -7.37 -24.14 4.35
N CYS A 209 -7.78 -23.89 3.09
CA CYS A 209 -7.13 -24.46 1.88
C CYS A 209 -5.73 -23.87 1.70
N LEU A 210 -5.57 -22.55 1.88
CA LEU A 210 -4.24 -21.88 1.82
C LEU A 210 -3.32 -22.50 2.87
N HIS A 211 -3.77 -22.57 4.13
CA HIS A 211 -2.99 -23.15 5.26
C HIS A 211 -2.60 -24.60 4.94
N ALA A 212 -3.51 -25.38 4.35
CA ALA A 212 -3.28 -26.81 4.05
C ALA A 212 -2.19 -26.93 2.97
N LEU A 213 -2.28 -26.12 1.92
CA LEU A 213 -1.30 -26.08 0.80
C LEU A 213 0.10 -25.74 1.33
N LEU A 214 0.20 -24.72 2.17
CA LEU A 214 1.49 -24.27 2.76
C LEU A 214 2.10 -25.40 3.59
N ALA A 215 1.31 -26.05 4.45
CA ALA A 215 1.78 -27.16 5.33
C ALA A 215 2.30 -28.30 4.45
N GLU A 216 1.57 -28.61 3.36
CA GLU A 216 1.91 -29.67 2.38
C GLU A 216 3.29 -29.39 1.77
N CYS A 217 3.67 -28.12 1.58
CA CYS A 217 4.95 -27.70 0.95
C CYS A 217 6.02 -27.35 2.00
N GLY A 218 5.84 -27.79 3.26
CA GLY A 218 6.82 -27.61 4.34
C GLY A 218 7.04 -26.15 4.72
N LEU A 219 5.98 -25.34 4.69
CA LEU A 219 6.03 -23.89 5.04
C LEU A 219 5.20 -23.68 6.30
N THR A 220 5.85 -23.39 7.42
CA THR A 220 5.23 -23.17 8.76
C THR A 220 4.62 -21.77 8.81
N VAL A 221 3.32 -21.66 9.11
CA VAL A 221 2.63 -20.36 9.31
C VAL A 221 3.08 -19.76 10.64
N VAL A 222 3.63 -18.55 10.62
CA VAL A 222 4.01 -17.78 11.84
C VAL A 222 3.01 -16.65 12.07
N ARG A 223 2.43 -16.10 11.00
CA ARG A 223 1.38 -15.05 11.06
C ARG A 223 0.34 -15.33 9.97
N SER A 224 -0.94 -15.23 10.31
CA SER A 224 -2.07 -15.35 9.36
C SER A 224 -3.04 -14.20 9.60
N ALA A 225 -3.25 -13.35 8.59
CA ALA A 225 -4.22 -12.24 8.61
C ALA A 225 -5.18 -12.39 7.43
N SER A 226 -6.42 -11.98 7.65
CA SER A 226 -7.52 -11.98 6.65
C SER A 226 -8.23 -10.64 6.74
N ASN A 227 -8.72 -10.15 5.61
CA ASN A 227 -9.76 -9.09 5.55
C ASN A 227 -10.87 -9.63 4.63
N LEU A 228 -11.87 -8.79 4.35
CA LEU A 228 -13.06 -9.19 3.55
C LEU A 228 -12.63 -9.72 2.18
N PHE A 229 -11.45 -9.33 1.67
CA PHE A 229 -11.06 -9.53 0.25
C PHE A 229 -9.93 -10.55 0.10
N ALA A 230 -9.20 -10.87 1.17
CA ALA A 230 -7.83 -11.44 1.04
C ALA A 230 -7.41 -12.21 2.29
N HIS A 231 -6.45 -13.11 2.10
CA HIS A 231 -5.66 -13.80 3.15
C HIS A 231 -4.19 -13.49 2.90
N CYS A 232 -3.44 -13.15 3.95
CA CYS A 232 -1.99 -12.92 3.88
C CYS A 232 -1.30 -13.71 5.00
N VAL A 233 -0.32 -14.53 4.64
CA VAL A 233 0.35 -15.46 5.58
C VAL A 233 1.86 -15.22 5.50
N THR A 234 2.50 -15.13 6.66
CA THR A 234 3.97 -15.16 6.80
C THR A 234 4.37 -16.60 7.16
N VAL A 235 5.27 -17.18 6.39
CA VAL A 235 5.69 -18.60 6.57
C VAL A 235 7.22 -18.66 6.69
N LEU A 236 7.70 -19.68 7.39
CA LEU A 236 9.13 -20.08 7.45
C LEU A 236 9.27 -21.44 6.77
N PRO A 237 10.21 -21.59 5.82
CA PRO A 237 10.57 -22.91 5.32
C PRO A 237 11.08 -23.74 6.50
N GLU A 238 10.54 -24.95 6.69
CA GLU A 238 11.11 -25.92 7.65
C GLU A 238 12.55 -26.19 7.19
N GLY A 239 13.51 -26.18 8.10
CA GLY A 239 14.94 -26.33 7.77
C GLY A 239 15.64 -24.98 7.64
N ALA A 240 14.90 -23.87 7.49
CA ALA A 240 15.47 -22.50 7.44
C ALA A 240 16.03 -22.14 8.82
N ASP A 241 17.25 -21.61 8.85
CA ASP A 241 17.88 -21.05 10.09
C ASP A 241 17.04 -19.85 10.54
N GLN A 242 16.82 -19.70 11.84
CA GLN A 242 16.06 -18.55 12.40
C GLN A 242 16.92 -17.77 13.40
N GLY A 243 18.18 -17.49 13.04
CA GLY A 243 19.08 -16.57 13.74
C GLY A 243 18.82 -15.11 13.38
N PHE A 244 19.71 -14.20 13.83
CA PHE A 244 19.54 -12.72 13.79
C PHE A 244 20.51 -12.09 12.77
N THR B 25 -14.13 14.11 -6.75
CA THR B 25 -13.87 12.85 -7.53
C THR B 25 -12.37 12.70 -7.79
N ILE B 26 -11.54 12.67 -6.75
CA ILE B 26 -10.06 12.60 -6.89
C ILE B 26 -9.50 11.34 -6.20
N MET B 27 -10.33 10.45 -5.64
CA MET B 27 -9.79 9.35 -4.78
C MET B 27 -9.95 7.96 -5.42
N THR B 28 -10.79 7.81 -6.45
CA THR B 28 -11.03 6.49 -7.07
C THR B 28 -9.74 6.04 -7.77
N LEU B 29 -9.32 4.78 -7.57
CA LEU B 29 -8.07 4.22 -8.15
C LEU B 29 -8.09 4.35 -9.67
N ALA B 30 -9.29 4.34 -10.27
CA ALA B 30 -9.51 4.47 -11.73
C ALA B 30 -8.83 5.75 -12.25
N ASN B 31 -8.59 6.74 -11.39
CA ASN B 31 -7.99 8.05 -11.79
C ASN B 31 -6.50 8.13 -11.45
N PHE B 32 -5.90 7.08 -10.87
CA PHE B 32 -4.50 7.11 -10.37
C PHE B 32 -3.53 6.56 -11.42
N PRO B 33 -2.52 7.35 -11.85
CA PRO B 33 -1.33 6.78 -12.48
C PRO B 33 -0.66 5.78 -11.53
N ASP B 34 0.05 4.79 -12.08
CA ASP B 34 0.78 3.76 -11.30
C ASP B 34 1.69 4.43 -10.25
N ASP B 35 2.31 5.55 -10.61
CA ASP B 35 3.37 6.20 -9.77
C ASP B 35 2.80 6.84 -8.50
N VAL B 36 1.48 6.83 -8.31
CA VAL B 36 0.81 7.26 -7.04
C VAL B 36 1.11 6.25 -5.92
N LEU B 37 1.28 4.96 -6.26
CA LEU B 37 1.35 3.86 -5.26
C LEU B 37 2.49 4.05 -4.27
N PRO B 38 3.74 4.41 -4.69
CA PRO B 38 4.84 4.61 -3.74
C PRO B 38 4.57 5.66 -2.66
N LEU B 39 3.83 6.72 -2.99
CA LEU B 39 3.39 7.74 -2.01
C LEU B 39 2.47 7.07 -0.98
N LEU B 40 1.44 6.35 -1.44
CA LEU B 40 0.46 5.67 -0.54
C LEU B 40 1.19 4.64 0.32
N GLN B 41 2.15 3.89 -0.24
CA GLN B 41 2.84 2.79 0.49
C GLN B 41 3.73 3.39 1.58
N MET B 42 4.52 4.41 1.26
CA MET B 42 5.44 5.06 2.23
C MET B 42 4.64 5.56 3.44
N GLU B 43 3.50 6.25 3.24
CA GLU B 43 2.76 6.86 4.37
C GLU B 43 2.09 5.77 5.21
N SER B 44 1.63 4.69 4.58
CA SER B 44 1.01 3.52 5.26
C SER B 44 2.03 2.91 6.22
N LEU B 45 3.26 2.67 5.74
CA LEU B 45 4.33 2.04 6.54
C LEU B 45 4.72 2.98 7.70
N MET B 46 4.80 4.28 7.45
CA MET B 46 5.21 5.26 8.49
C MET B 46 4.08 5.43 9.51
N THR B 47 2.82 5.40 9.09
CA THR B 47 1.65 5.46 10.00
C THR B 47 1.65 4.23 10.91
N PHE B 48 1.82 3.04 10.32
CA PHE B 48 1.87 1.75 11.04
C PHE B 48 2.96 1.81 12.13
N GLU B 49 4.18 2.18 11.74
CA GLU B 49 5.34 2.16 12.66
C GLU B 49 5.15 3.24 13.75
N ALA B 50 4.62 4.41 13.40
CA ALA B 50 4.35 5.52 14.35
C ALA B 50 3.32 5.07 15.40
N MET B 51 2.21 4.48 14.99
CA MET B 51 1.14 3.97 15.90
C MET B 51 1.76 3.04 16.94
N ALA B 52 2.60 2.11 16.49
CA ALA B 52 3.23 1.06 17.34
C ALA B 52 4.24 1.71 18.31
N TYR B 53 5.20 2.48 17.80
CA TYR B 53 6.28 3.06 18.63
C TYR B 53 5.72 4.09 19.62
N LEU B 54 4.82 4.96 19.17
CA LEU B 54 4.29 6.07 20.00
C LEU B 54 3.10 5.60 20.84
N ARG B 55 2.76 4.30 20.79
CA ARG B 55 1.70 3.68 21.64
C ARG B 55 0.39 4.46 21.49
N CYS B 56 -0.01 4.72 20.26
CA CYS B 56 -1.30 5.38 19.94
C CYS B 56 -2.40 4.32 19.98
N ASP B 57 -3.47 4.57 20.75
CA ASP B 57 -4.62 3.64 20.90
C ASP B 57 -5.69 3.96 19.84
N ALA B 58 -5.55 5.08 19.13
CA ALA B 58 -6.53 5.50 18.10
C ALA B 58 -5.82 6.08 16.88
N LEU B 59 -6.35 5.78 15.70
CA LEU B 59 -5.94 6.37 14.41
C LEU B 59 -7.10 7.21 13.90
N VAL B 60 -6.92 8.53 13.74
CA VAL B 60 -7.92 9.43 13.12
C VAL B 60 -7.42 9.79 11.73
N GLU B 61 -8.09 9.30 10.70
CA GLU B 61 -7.72 9.53 9.28
C GLU B 61 -8.56 10.69 8.75
N LEU B 62 -7.94 11.84 8.50
CA LEU B 62 -8.58 13.02 7.88
C LEU B 62 -8.61 12.80 6.36
N GLY B 63 -9.76 13.01 5.72
CA GLY B 63 -9.95 12.70 4.29
C GLY B 63 -9.74 11.22 4.03
N CYS B 64 -10.44 10.37 4.79
CA CYS B 64 -10.24 8.90 4.82
C CYS B 64 -10.78 8.22 3.56
N TYR B 65 -11.63 8.91 2.78
CA TYR B 65 -12.39 8.33 1.64
C TYR B 65 -13.08 7.05 2.17
N ASP B 66 -12.74 5.87 1.64
CA ASP B 66 -13.44 4.60 1.98
C ASP B 66 -12.65 3.85 3.07
N GLY B 67 -11.77 4.54 3.80
CA GLY B 67 -10.99 3.96 4.93
C GLY B 67 -9.62 3.47 4.49
N ARG B 68 -8.82 4.35 3.88
CA ARG B 68 -7.52 4.00 3.26
C ARG B 68 -6.48 3.62 4.34
N ALA B 69 -6.72 3.91 5.62
CA ALA B 69 -5.82 3.54 6.74
C ALA B 69 -6.51 2.55 7.70
N LEU B 70 -7.72 2.08 7.39
CA LEU B 70 -8.46 1.14 8.29
C LEU B 70 -7.60 -0.11 8.57
N GLU B 71 -6.89 -0.64 7.58
CA GLU B 71 -6.09 -1.89 7.73
C GLU B 71 -5.01 -1.70 8.78
N ILE B 72 -4.45 -0.49 8.90
CA ILE B 72 -3.40 -0.17 9.90
C ILE B 72 -4.02 -0.34 11.29
N ALA B 73 -5.17 0.29 11.54
CA ALA B 73 -5.90 0.19 12.83
C ALA B 73 -6.26 -1.28 13.08
N ARG B 74 -6.76 -1.97 12.06
CA ARG B 74 -7.23 -3.37 12.20
C ARG B 74 -6.06 -4.24 12.66
N LEU B 75 -4.89 -4.12 12.03
CA LEU B 75 -3.74 -5.04 12.27
C LEU B 75 -3.01 -4.67 13.58
N LEU B 76 -3.25 -3.48 14.14
CA LEU B 76 -2.69 -3.08 15.47
C LEU B 76 -3.76 -3.18 16.56
N ASN B 77 -4.99 -3.56 16.22
CA ASN B 77 -6.14 -3.61 17.16
C ASN B 77 -6.31 -2.24 17.81
N ALA B 78 -6.12 -1.16 17.05
CA ALA B 78 -6.30 0.24 17.52
C ALA B 78 -7.73 0.70 17.18
N ARG B 79 -8.22 1.74 17.86
CA ARG B 79 -9.48 2.43 17.49
C ARG B 79 -9.24 3.22 16.20
N TYR B 80 -10.30 3.45 15.44
CA TYR B 80 -10.24 4.16 14.13
C TYR B 80 -11.39 5.17 14.05
N LEU B 81 -11.10 6.37 13.55
CA LEU B 81 -12.12 7.35 13.15
C LEU B 81 -11.74 7.86 11.76
N GLY B 82 -12.62 7.63 10.78
CA GLY B 82 -12.52 8.19 9.42
C GLY B 82 -13.37 9.44 9.29
N VAL B 83 -12.76 10.54 8.87
CA VAL B 83 -13.42 11.86 8.64
C VAL B 83 -13.35 12.16 7.14
N ASP B 84 -14.51 12.36 6.51
CA ASP B 84 -14.59 12.74 5.07
C ASP B 84 -15.96 13.37 4.81
N LEU B 85 -16.02 14.28 3.83
CA LEU B 85 -17.30 14.90 3.37
C LEU B 85 -17.95 14.03 2.29
N ASP B 86 -17.24 13.03 1.76
CA ASP B 86 -17.76 12.10 0.72
C ASP B 86 -18.61 11.04 1.42
N GLN B 87 -19.93 11.26 1.46
CA GLN B 87 -20.88 10.40 2.21
C GLN B 87 -20.92 9.00 1.59
N ARG B 88 -20.78 8.88 0.27
CA ARG B 88 -20.76 7.57 -0.44
C ARG B 88 -19.56 6.75 0.07
N ALA B 89 -18.37 7.33 0.07
CA ALA B 89 -17.13 6.67 0.54
C ALA B 89 -17.30 6.26 2.01
N ILE B 90 -17.90 7.14 2.83
CA ILE B 90 -18.11 6.88 4.28
C ILE B 90 -19.09 5.71 4.44
N GLU B 91 -20.16 5.62 3.65
CA GLU B 91 -21.13 4.50 3.76
C GLU B 91 -20.44 3.18 3.36
N THR B 92 -19.63 3.21 2.29
CA THR B 92 -18.78 2.05 1.89
C THR B 92 -17.94 1.62 3.09
N LEU B 93 -17.27 2.57 3.75
CA LEU B 93 -16.41 2.33 4.93
C LEU B 93 -17.24 1.73 6.07
N ARG B 94 -18.40 2.31 6.40
CA ARG B 94 -19.26 1.80 7.51
C ARG B 94 -19.61 0.32 7.28
N THR B 95 -19.92 -0.07 6.05
CA THR B 95 -20.26 -1.46 5.70
C THR B 95 -19.02 -2.35 5.90
N ARG B 96 -17.85 -1.90 5.43
CA ARG B 96 -16.58 -2.65 5.59
C ARG B 96 -16.30 -2.86 7.08
N ILE B 97 -16.41 -1.81 7.89
CA ILE B 97 -16.21 -1.88 9.37
C ILE B 97 -17.14 -2.94 9.95
N GLU B 98 -18.42 -2.94 9.56
CA GLU B 98 -19.42 -3.92 10.07
C GLU B 98 -18.97 -5.33 9.64
N ARG B 99 -18.62 -5.53 8.37
CA ARG B 99 -18.28 -6.87 7.84
C ARG B 99 -16.96 -7.38 8.44
N GLU B 100 -16.07 -6.49 8.87
CA GLU B 100 -14.78 -6.85 9.53
C GLU B 100 -14.97 -7.07 11.03
N GLY B 101 -16.18 -6.86 11.58
CA GLY B 101 -16.47 -7.04 13.00
C GLY B 101 -15.86 -5.95 13.86
N MET B 102 -15.62 -4.76 13.28
CA MET B 102 -14.86 -3.65 13.91
C MET B 102 -15.79 -2.55 14.43
N SER B 103 -17.13 -2.77 14.46
CA SER B 103 -18.14 -1.75 14.84
C SER B 103 -17.85 -1.13 16.21
N ASP B 104 -17.34 -1.91 17.17
CA ASP B 104 -17.11 -1.45 18.56
C ASP B 104 -15.81 -0.62 18.64
N ARG B 105 -14.98 -0.59 17.59
CA ARG B 105 -13.61 0.03 17.66
C ARG B 105 -13.37 1.00 16.50
N ALA B 106 -14.20 1.02 15.46
CA ALA B 106 -14.02 1.86 14.26
C ALA B 106 -15.31 2.63 14.00
N ASP B 107 -15.21 3.93 13.73
CA ASP B 107 -16.36 4.80 13.41
C ASP B 107 -15.99 5.75 12.29
N THR B 108 -16.99 6.53 11.84
CA THR B 108 -16.87 7.51 10.74
C THR B 108 -17.60 8.80 11.14
N VAL B 109 -17.24 9.90 10.52
CA VAL B 109 -18.02 11.17 10.61
C VAL B 109 -17.99 11.83 9.23
N VAL B 110 -19.17 12.22 8.74
CA VAL B 110 -19.32 13.08 7.54
C VAL B 110 -19.21 14.52 8.02
N ASP B 111 -17.99 15.05 8.02
CA ASP B 111 -17.69 16.38 8.63
C ASP B 111 -16.55 17.03 7.84
N ASP B 112 -16.52 18.37 7.86
CA ASP B 112 -15.35 19.16 7.42
C ASP B 112 -14.18 18.80 8.35
N ILE B 113 -13.00 18.59 7.78
CA ILE B 113 -11.76 18.16 8.50
C ILE B 113 -11.43 19.20 9.58
N LEU B 114 -11.51 20.50 9.25
CA LEU B 114 -11.13 21.59 10.19
C LEU B 114 -12.20 21.69 11.28
N ASN B 115 -13.48 21.49 10.96
CA ASN B 115 -14.59 21.46 11.94
C ASN B 115 -14.34 20.30 12.92
N HIS B 116 -13.87 19.15 12.44
CA HIS B 116 -13.59 17.98 13.31
C HIS B 116 -12.40 18.32 14.24
N THR B 117 -11.31 18.86 13.70
CA THR B 117 -10.09 19.17 14.48
C THR B 117 -10.40 20.29 15.48
N ARG B 118 -11.24 21.26 15.08
CA ARG B 118 -11.65 22.39 15.95
C ARG B 118 -12.58 21.89 17.07
N ARG B 119 -13.67 21.18 16.75
CA ARG B 119 -14.83 20.98 17.67
C ARG B 119 -15.18 19.50 17.86
N GLY B 120 -14.61 18.58 17.09
CA GLY B 120 -14.95 17.14 17.11
C GLY B 120 -14.57 16.50 18.45
N ALA B 121 -15.33 15.49 18.88
CA ALA B 121 -15.07 14.70 20.11
C ALA B 121 -13.76 13.93 19.94
N SER B 122 -12.97 13.81 21.01
CA SER B 122 -11.69 13.05 21.02
C SER B 122 -11.97 11.56 20.88
N VAL B 123 -11.00 10.81 20.35
CA VAL B 123 -11.01 9.32 20.25
C VAL B 123 -9.76 8.80 20.97
N GLY B 124 -9.91 7.84 21.88
CA GLY B 124 -8.81 7.26 22.66
C GLY B 124 -8.09 8.31 23.51
N SER B 125 -7.06 7.89 24.25
CA SER B 125 -6.22 8.76 25.10
C SER B 125 -4.99 9.24 24.33
N ARG B 126 -4.51 8.44 23.37
CA ARG B 126 -3.32 8.77 22.52
C ARG B 126 -3.70 8.57 21.05
N ALA B 127 -4.23 9.62 20.42
CA ALA B 127 -4.68 9.59 19.01
C ALA B 127 -3.53 10.06 18.12
N LEU B 128 -3.28 9.32 17.05
CA LEU B 128 -2.43 9.76 15.91
C LEU B 128 -3.37 10.27 14.82
N TYR B 129 -3.10 11.47 14.32
CA TYR B 129 -3.85 12.10 13.21
C TYR B 129 -3.06 11.88 11.91
N LEU B 130 -3.69 11.25 10.93
CA LEU B 130 -3.11 11.01 9.59
C LEU B 130 -3.69 12.05 8.63
N LEU B 131 -2.81 12.77 7.93
CA LEU B 131 -3.12 13.71 6.82
C LEU B 131 -2.58 13.08 5.54
N PRO B 132 -3.37 12.20 4.88
CA PRO B 132 -2.86 11.36 3.80
C PRO B 132 -2.89 12.01 2.42
N PHE B 133 -2.12 11.44 1.49
CA PHE B 133 -2.26 11.62 0.03
C PHE B 133 -2.40 13.11 -0.32
N ASN B 134 -1.51 13.93 0.25
CA ASN B 134 -1.32 15.36 -0.07
C ASN B 134 -2.50 16.20 0.40
N LEU B 135 -3.25 15.74 1.40
CA LEU B 135 -4.37 16.51 2.00
C LEU B 135 -3.88 17.92 2.33
N LEU B 136 -2.70 18.03 2.93
CA LEU B 136 -2.12 19.33 3.37
C LEU B 136 -1.93 20.24 2.16
N GLY B 137 -1.47 19.65 1.05
CA GLY B 137 -1.21 20.35 -0.22
C GLY B 137 -2.50 20.78 -0.92
N ASN B 138 -3.62 20.13 -0.61
CA ASN B 138 -4.95 20.42 -1.21
C ASN B 138 -5.64 21.54 -0.41
N PHE B 139 -5.05 22.00 0.69
CA PHE B 139 -5.52 23.17 1.51
C PHE B 139 -4.72 24.42 1.14
N ARG B 140 -5.43 25.53 0.87
CA ARG B 140 -4.82 26.83 0.48
C ARG B 140 -4.19 27.49 1.72
N GLU B 141 -4.80 27.32 2.90
CA GLU B 141 -4.28 27.81 4.20
C GLU B 141 -3.98 26.61 5.12
N PRO B 142 -2.85 25.91 4.89
CA PRO B 142 -2.53 24.71 5.66
C PRO B 142 -2.27 24.97 7.17
N LYS B 143 -1.84 26.18 7.53
CA LYS B 143 -1.49 26.55 8.94
C LYS B 143 -2.70 26.34 9.85
N ARG B 144 -3.91 26.69 9.41
CA ARG B 144 -5.16 26.50 10.18
C ARG B 144 -5.27 25.03 10.60
N LEU B 145 -5.08 24.10 9.65
CA LEU B 145 -5.21 22.65 9.90
C LEU B 145 -4.10 22.18 10.86
N LEU B 146 -2.84 22.53 10.58
CA LEU B 146 -1.67 22.10 11.38
C LEU B 146 -1.79 22.62 12.82
N ASP B 147 -2.18 23.88 13.01
CA ASP B 147 -2.33 24.51 14.34
C ASP B 147 -3.42 23.79 15.14
N SER B 148 -4.47 23.30 14.47
CA SER B 148 -5.63 22.61 15.12
C SER B 148 -5.22 21.23 15.64
N LEU B 149 -4.12 20.65 15.15
CA LEU B 149 -3.64 19.30 15.58
C LEU B 149 -3.08 19.36 17.01
N ALA B 150 -2.52 20.51 17.40
CA ALA B 150 -1.86 20.74 18.72
C ALA B 150 -2.63 20.07 19.86
N GLU B 151 -3.92 20.37 20.01
CA GLU B 151 -4.70 20.04 21.25
C GLU B 151 -5.05 18.53 21.28
N ARG B 152 -5.52 17.97 20.17
CA ARG B 152 -6.33 16.71 20.15
C ARG B 152 -5.49 15.49 19.72
N SER B 153 -4.23 15.69 19.35
CA SER B 153 -3.30 14.61 18.89
C SER B 153 -2.02 14.62 19.74
N VAL B 154 -1.42 13.44 19.89
CA VAL B 154 -0.10 13.23 20.55
C VAL B 154 0.95 12.98 19.46
N ALA B 155 0.48 12.86 18.21
CA ALA B 155 1.30 12.51 17.04
C ALA B 155 0.47 12.74 15.77
N ALA B 156 1.16 13.01 14.66
CA ALA B 156 0.54 13.12 13.34
C ALA B 156 1.51 12.57 12.29
N VAL B 157 0.95 12.01 11.23
CA VAL B 157 1.67 11.66 9.99
C VAL B 157 1.12 12.55 8.87
N VAL B 158 2.03 13.23 8.17
CA VAL B 158 1.72 14.19 7.08
C VAL B 158 2.43 13.70 5.81
N SER B 159 1.65 13.38 4.79
CA SER B 159 2.09 12.82 3.49
C SER B 159 1.75 13.82 2.39
N VAL B 160 2.75 14.27 1.63
CA VAL B 160 2.59 15.28 0.55
C VAL B 160 3.34 14.82 -0.71
N PHE B 161 2.88 15.27 -1.87
CA PHE B 161 3.65 15.19 -3.14
C PHE B 161 4.91 16.04 -2.99
N GLY B 162 6.01 15.55 -3.55
CA GLY B 162 7.28 16.28 -3.67
C GLY B 162 7.31 17.11 -4.94
N ASP B 163 8.43 17.77 -5.22
CA ASP B 163 8.53 18.73 -6.35
C ASP B 163 9.53 18.24 -7.41
N SER B 164 9.88 16.95 -7.41
CA SER B 164 10.67 16.33 -8.51
C SER B 164 9.89 16.51 -9.82
N ALA B 165 10.60 16.51 -10.95
CA ALA B 165 10.00 16.55 -12.30
C ALA B 165 9.02 15.39 -12.45
N GLU B 166 9.35 14.22 -11.88
CA GLU B 166 8.54 12.98 -11.99
C GLU B 166 7.24 13.16 -11.20
N ALA B 167 7.32 13.72 -9.99
CA ALA B 167 6.15 14.03 -9.13
C ALA B 167 5.20 15.00 -9.87
N THR B 168 5.73 16.06 -10.47
CA THR B 168 4.92 17.07 -11.20
C THR B 168 4.22 16.41 -12.39
N ARG B 169 4.92 15.55 -13.13
CA ARG B 169 4.38 14.81 -14.30
C ARG B 169 3.21 13.92 -13.86
N VAL B 170 3.39 13.17 -12.76
CA VAL B 170 2.37 12.22 -12.20
C VAL B 170 1.14 13.02 -11.77
N ARG B 171 1.34 14.15 -11.09
CA ARG B 171 0.26 15.03 -10.58
C ARG B 171 -0.56 15.57 -11.75
N GLN B 172 0.10 16.07 -12.80
CA GLN B 172 -0.58 16.63 -14.01
C GLN B 172 -1.50 15.55 -14.60
N SER B 173 -0.97 14.33 -14.80
CA SER B 173 -1.74 13.18 -15.35
C SER B 173 -2.92 12.86 -14.44
N TYR B 174 -2.69 12.80 -13.14
CA TYR B 174 -3.72 12.50 -12.10
C TYR B 174 -4.84 13.55 -12.17
N TYR B 175 -4.51 14.85 -12.10
CA TYR B 175 -5.52 15.95 -12.09
C TYR B 175 -6.27 15.97 -13.44
N ARG B 176 -5.61 15.64 -14.54
CA ARG B 176 -6.26 15.54 -15.87
C ARG B 176 -7.32 14.42 -15.84
N ARG B 177 -6.96 13.24 -15.33
CA ARG B 177 -7.89 12.08 -15.23
C ARG B 177 -9.06 12.43 -14.29
N CYS B 178 -8.84 13.26 -13.28
CA CYS B 178 -9.87 13.74 -12.32
C CYS B 178 -10.83 14.72 -13.01
N GLY B 179 -10.48 15.21 -14.20
CA GLY B 179 -11.33 16.10 -15.02
C GLY B 179 -11.30 17.53 -14.54
N VAL B 180 -10.17 18.01 -14.01
CA VAL B 180 -10.00 19.44 -13.60
C VAL B 180 -10.03 20.29 -14.88
N GLN B 181 -10.88 21.32 -14.90
CA GLN B 181 -11.04 22.23 -16.06
C GLN B 181 -9.99 23.35 -15.95
N GLY B 182 -9.44 23.78 -17.09
CA GLY B 182 -8.43 24.84 -17.18
C GLY B 182 -7.22 24.56 -16.29
N LEU B 183 -6.75 23.32 -16.28
CA LEU B 183 -5.59 22.90 -15.44
C LEU B 183 -4.39 23.74 -15.85
N GLU B 184 -3.80 24.47 -14.89
CA GLU B 184 -2.59 25.30 -15.07
C GLU B 184 -1.52 24.84 -14.07
N LEU B 185 -0.26 24.82 -14.50
CA LEU B 185 0.93 24.43 -13.72
C LEU B 185 1.74 25.70 -13.43
N HIS B 186 1.87 26.07 -12.15
CA HIS B 186 2.65 27.25 -11.68
C HIS B 186 3.92 26.75 -10.97
N THR B 187 5.09 27.00 -11.56
CA THR B 187 6.41 26.61 -11.00
C THR B 187 6.76 27.55 -9.85
N ARG B 188 7.24 26.99 -8.74
CA ARG B 188 7.75 27.73 -7.55
C ARG B 188 8.96 26.97 -6.98
N ASP B 189 9.80 27.65 -6.22
CA ASP B 189 11.07 27.11 -5.65
C ASP B 189 10.75 26.04 -4.60
N ASP B 190 9.61 26.17 -3.89
CA ASP B 190 9.27 25.34 -2.71
C ASP B 190 8.12 24.37 -3.02
N GLY B 191 7.71 24.26 -4.29
CA GLY B 191 6.65 23.32 -4.71
C GLY B 191 5.90 23.82 -5.93
N THR B 192 5.41 22.90 -6.76
CA THR B 192 4.62 23.21 -7.98
C THR B 192 3.15 23.36 -7.57
N VAL B 193 2.50 24.44 -7.99
CA VAL B 193 1.04 24.67 -7.73
C VAL B 193 0.25 24.37 -9.00
N PHE B 194 -0.79 23.55 -8.87
CA PHE B 194 -1.80 23.29 -9.94
C PHE B 194 -3.10 24.00 -9.55
N THR B 195 -3.69 24.73 -10.51
CA THR B 195 -5.02 25.37 -10.36
C THR B 195 -5.91 24.95 -11.53
N GLY B 196 -7.23 25.06 -11.34
CA GLY B 196 -8.24 24.92 -12.39
C GLY B 196 -9.17 26.12 -12.40
N SER B 197 -9.87 26.35 -13.53
CA SER B 197 -10.92 27.38 -13.68
C SER B 197 -12.16 27.01 -12.86
N ASP B 198 -12.21 25.77 -12.36
CA ASP B 198 -13.29 25.22 -11.50
C ASP B 198 -12.96 25.47 -10.03
N GLY B 199 -11.86 26.17 -9.72
CA GLY B 199 -11.43 26.52 -8.36
C GLY B 199 -10.50 25.48 -7.75
N PHE B 200 -10.07 24.50 -8.55
CA PHE B 200 -9.13 23.44 -8.08
C PHE B 200 -7.82 24.09 -7.64
N TYR B 201 -7.29 23.64 -6.51
CA TYR B 201 -5.97 24.05 -5.97
C TYR B 201 -5.27 22.83 -5.35
N SER B 202 -4.00 22.65 -5.65
CA SER B 202 -3.11 21.67 -4.98
C SER B 202 -1.65 22.07 -5.19
N ARG B 203 -0.88 22.13 -4.10
CA ARG B 203 0.58 22.40 -4.15
C ARG B 203 1.32 21.14 -3.69
N SER B 204 2.55 20.98 -4.17
CA SER B 204 3.55 20.03 -3.65
C SER B 204 4.47 20.79 -2.70
N TYR B 205 5.37 20.08 -2.03
CA TYR B 205 6.33 20.64 -1.04
C TYR B 205 7.73 20.13 -1.36
N SER B 206 8.72 21.01 -1.31
CA SER B 206 10.13 20.65 -1.06
C SER B 206 10.20 20.13 0.37
N ARG B 207 11.17 19.25 0.67
CA ARG B 207 11.40 18.71 2.03
C ARG B 207 11.63 19.89 3.00
N ALA B 208 12.47 20.85 2.62
CA ALA B 208 12.84 22.01 3.46
C ALA B 208 11.58 22.82 3.82
N CYS B 209 10.72 23.10 2.83
CA CYS B 209 9.49 23.93 3.01
C CYS B 209 8.52 23.22 3.96
N LEU B 210 8.29 21.92 3.77
CA LEU B 210 7.39 21.09 4.63
C LEU B 210 7.90 21.15 6.07
N HIS B 211 9.19 20.89 6.30
CA HIS B 211 9.82 20.91 7.64
C HIS B 211 9.66 22.30 8.27
N ALA B 212 9.93 23.37 7.51
CA ALA B 212 9.80 24.77 7.97
C ALA B 212 8.36 25.05 8.40
N LEU B 213 7.37 24.65 7.60
CA LEU B 213 5.92 24.87 7.90
C LEU B 213 5.54 24.16 9.20
N LEU B 214 5.94 22.90 9.36
CA LEU B 214 5.61 22.09 10.57
C LEU B 214 6.24 22.73 11.82
N ALA B 215 7.52 23.12 11.76
CA ALA B 215 8.24 23.80 12.86
C ALA B 215 7.49 25.08 13.25
N GLU B 216 7.07 25.87 12.25
CA GLU B 216 6.30 27.13 12.41
C GLU B 216 5.00 26.87 13.18
N CYS B 217 4.41 25.68 13.05
CA CYS B 217 3.10 25.29 13.67
C CYS B 217 3.29 24.40 14.90
N GLY B 218 4.48 24.37 15.50
CA GLY B 218 4.75 23.69 16.79
C GLY B 218 4.67 22.18 16.68
N LEU B 219 5.06 21.63 15.52
CA LEU B 219 5.09 20.18 15.24
C LEU B 219 6.54 19.78 14.98
N THR B 220 7.12 18.97 15.87
CA THR B 220 8.53 18.50 15.79
C THR B 220 8.58 17.22 14.95
N VAL B 221 9.44 17.21 13.93
CA VAL B 221 9.66 16.04 13.05
C VAL B 221 10.51 15.02 13.82
N VAL B 222 9.99 13.79 13.97
CA VAL B 222 10.70 12.66 14.63
C VAL B 222 11.14 11.63 13.58
N ARG B 223 10.42 11.54 12.45
CA ARG B 223 10.77 10.69 11.29
C ARG B 223 10.48 11.46 10.00
N SER B 224 11.39 11.39 9.02
CA SER B 224 11.24 12.05 7.70
C SER B 224 11.70 11.10 6.60
N ALA B 225 10.80 10.77 5.67
CA ALA B 225 11.10 9.91 4.49
C ALA B 225 10.70 10.66 3.22
N SER B 226 11.47 10.43 2.15
CA SER B 226 11.20 10.93 0.78
C SER B 226 11.40 9.78 -0.20
N ASN B 227 10.61 9.75 -1.27
CA ASN B 227 10.90 8.95 -2.48
C ASN B 227 10.79 9.91 -3.66
N LEU B 228 10.79 9.38 -4.89
CA LEU B 228 10.81 10.20 -6.14
C LEU B 228 9.55 11.09 -6.19
N PHE B 229 8.46 10.70 -5.52
CA PHE B 229 7.11 11.30 -5.70
C PHE B 229 6.63 12.05 -4.47
N ALA B 230 7.16 11.78 -3.28
CA ALA B 230 6.51 12.12 -2.00
C ALA B 230 7.53 12.44 -0.88
N HIS B 231 7.07 13.24 0.08
CA HIS B 231 7.67 13.38 1.44
C HIS B 231 6.63 12.94 2.46
N CYS B 232 7.05 12.17 3.46
CA CYS B 232 6.18 11.76 4.59
C CYS B 232 6.93 11.96 5.89
N VAL B 233 6.30 12.63 6.85
CA VAL B 233 6.92 12.98 8.16
C VAL B 233 5.99 12.52 9.28
N THR B 234 6.60 12.04 10.36
CA THR B 234 5.95 11.79 11.66
C THR B 234 6.32 12.97 12.57
N VAL B 235 5.32 13.63 13.15
CA VAL B 235 5.53 14.82 14.02
C VAL B 235 4.88 14.56 15.39
N LEU B 236 5.45 15.20 16.42
CA LEU B 236 4.83 15.32 17.76
C LEU B 236 4.51 16.79 17.97
N PRO B 237 3.26 17.11 18.39
CA PRO B 237 2.96 18.45 18.86
C PRO B 237 3.85 18.72 20.08
N GLU B 238 4.62 19.82 20.06
CA GLU B 238 5.46 20.21 21.23
C GLU B 238 4.51 20.50 22.38
N GLY B 239 4.76 19.89 23.56
CA GLY B 239 3.88 19.99 24.74
C GLY B 239 2.90 18.84 24.84
N ALA B 240 2.80 17.99 23.81
CA ALA B 240 2.00 16.74 23.85
C ALA B 240 2.76 15.69 24.69
N ASP B 241 2.05 15.00 25.59
CA ASP B 241 2.61 13.95 26.47
C ASP B 241 3.11 12.79 25.59
N GLN B 242 4.19 12.11 26.01
CA GLN B 242 4.79 10.99 25.23
C GLN B 242 4.95 9.75 26.12
N GLY B 243 3.95 9.50 26.98
CA GLY B 243 3.81 8.27 27.78
C GLY B 243 3.36 7.08 26.93
N PHE B 244 2.98 5.99 27.59
CA PHE B 244 2.72 4.65 26.98
C PHE B 244 1.24 4.27 27.07
N GLY B 245 0.40 5.16 27.61
CA GLY B 245 -1.04 4.92 27.83
C GLY B 245 -1.32 4.41 29.23
#